data_9O3Q
#
_entry.id   9O3Q
#
_cell.length_a   69.284
_cell.length_b   84.043
_cell.length_c   112.870
_cell.angle_alpha   90.000
_cell.angle_beta   90.000
_cell.angle_gamma   90.000
#
_symmetry.space_group_name_H-M   'P 21 21 21'
#
loop_
_entity.id
_entity.type
_entity.pdbx_description
1 polymer 'PL35 chondroitinase'
2 non-polymer 'MAGNESIUM ION'
3 water water
#
_entity_poly.entity_id   1
_entity_poly.type   'polypeptide(L)'
_entity_poly.pdbx_seq_one_letter_code
;HHHHHHNMYGQQRFLSNHPRLLFTGAEEAAVKQLIQNNRLAGELAEFLKAKADTLVITPQKPYLKDKYGNILWTSRSYVN
RLGTLALAYRLYGERKYLDAANEALLWVCNYPDWDPPHYLDTAEMATAVAIAYDWLYDALPTSTKDLVKKCLYERAIVRV
LREYEKGSLGSWAKRETNWNVVCNTGMVLAALGIAEDYPKEAAVILDNAAKYMPNCLKHFAPDGVCYEGPAYWGYTTSYL
TLYLKAVADNDNGKGGIAQLPGLERTALYQKRTLTPSGRLFNFGNAGADAQNSPAFFLFSRMYNQPEVAEWYREKLKLTM
QDNLLLHQLFFLSLPWFDNASPKKVEKIPALEIYHNTINDIIVFNGNRNKKGSLFLIAKGGEPRQAHQHLDGGTFIVESN
GVCWTEDLGADDYALPGFWDGRPDGQRWKYFRNNNFSHNTLSIDHKIQYANGEAFVCEEHTDAKQPSVKLDMTTLYKDQA
SSVFRTFKLLNDYTIEIMDEVDLLSPQSIVSWIASTKAQVEVKENRVRLTHEGKHFYMEIIAPAGATFKTYPAKNTYKGE
YPIEGYNMLEAECGLEGGKGKVVVRMSSKRNMR
;
_entity_poly.pdbx_strand_id   A
#
# COMPACT_ATOMS: atom_id res chain seq x y z
N GLN A 12 35.33 9.91 3.49
CA GLN A 12 34.55 9.94 4.73
C GLN A 12 33.08 9.66 4.43
N ARG A 13 32.53 8.61 5.02
CA ARG A 13 31.24 8.11 4.55
C ARG A 13 30.06 8.73 5.27
N PHE A 14 30.16 10.01 5.56
CA PHE A 14 29.06 10.79 6.12
C PHE A 14 29.32 12.26 5.87
N LEU A 15 28.23 13.03 5.85
CA LEU A 15 28.34 14.47 5.74
C LEU A 15 29.03 15.02 6.98
N SER A 16 29.90 15.99 6.79
CA SER A 16 30.78 16.39 7.88
C SER A 16 30.00 17.03 9.04
N ASN A 17 28.94 17.78 8.77
CA ASN A 17 28.24 18.52 9.80
C ASN A 17 26.82 18.01 10.02
N HIS A 18 26.38 18.06 11.27
CA HIS A 18 24.95 17.98 11.57
C HIS A 18 24.26 19.26 11.05
N PRO A 19 22.99 19.15 10.59
CA PRO A 19 22.21 17.92 10.50
C PRO A 19 22.53 17.18 9.21
N ARG A 20 22.81 15.88 9.30
CA ARG A 20 23.08 15.05 8.13
C ARG A 20 21.97 14.05 7.83
N LEU A 21 20.94 13.95 8.66
CA LEU A 21 19.89 12.93 8.49
C LEU A 21 18.63 13.53 7.88
N LEU A 22 18.28 13.08 6.66
CA LEU A 22 16.97 13.24 6.03
C LEU A 22 16.64 14.66 5.58
N PHE A 23 17.05 15.66 6.36
CA PHE A 23 16.84 17.07 6.06
C PHE A 23 18.15 17.78 6.42
N THR A 24 19.02 18.00 5.43
CA THR A 24 20.37 18.46 5.70
C THR A 24 20.40 19.96 5.95
N GLY A 25 21.53 20.44 6.47
CA GLY A 25 21.67 21.89 6.63
C GLY A 25 21.55 22.62 5.30
N ALA A 26 22.17 22.06 4.25
CA ALA A 26 22.18 22.75 2.96
C ALA A 26 20.79 22.85 2.35
N GLU A 27 19.87 21.98 2.75
CA GLU A 27 18.51 21.97 2.21
C GLU A 27 17.60 23.00 2.85
N GLU A 28 18.01 23.61 3.96
CA GLU A 28 17.11 24.48 4.70
C GLU A 28 16.70 25.71 3.92
N ALA A 29 17.64 26.34 3.20
CA ALA A 29 17.32 27.57 2.47
C ALA A 29 16.16 27.36 1.50
N ALA A 30 16.23 26.28 0.71
CA ALA A 30 15.19 26.07 -0.29
C ALA A 30 13.87 25.70 0.34
N VAL A 31 13.89 25.01 1.48
CA VAL A 31 12.63 24.67 2.15
C VAL A 31 11.98 25.94 2.71
N LYS A 32 12.77 26.84 3.29
CA LYS A 32 12.20 28.08 3.80
C LYS A 32 11.59 28.89 2.66
N GLN A 33 12.21 28.87 1.47
CA GLN A 33 11.64 29.58 0.34
C GLN A 33 10.31 28.97 -0.11
N LEU A 34 10.22 27.63 -0.12
CA LEU A 34 8.96 26.99 -0.47
C LEU A 34 7.85 27.40 0.47
N ILE A 35 8.15 27.45 1.78
CA ILE A 35 7.13 27.83 2.75
C ILE A 35 6.60 29.23 2.46
N GLN A 36 7.49 30.13 2.02
CA GLN A 36 7.08 31.49 1.70
C GLN A 36 6.31 31.56 0.40
N ASN A 37 6.68 30.74 -0.60
CA ASN A 37 6.24 30.97 -1.98
C ASN A 37 5.20 29.99 -2.50
N ASN A 38 4.93 28.90 -1.80
CA ASN A 38 4.03 27.85 -2.26
C ASN A 38 2.92 27.70 -1.21
N ARG A 39 1.62 27.97 -1.57
CA ARG A 39 0.61 27.98 -0.50
C ARG A 39 0.57 26.67 0.24
N LEU A 40 0.54 25.54 -0.51
CA LEU A 40 0.37 24.26 0.15
C LEU A 40 1.50 24.00 1.13
N ALA A 41 2.74 24.25 0.70
CA ALA A 41 3.88 24.13 1.61
C ALA A 41 3.70 25.04 2.82
N GLY A 42 3.24 26.27 2.59
CA GLY A 42 2.98 27.18 3.69
C GLY A 42 1.89 26.67 4.63
N GLU A 43 0.80 26.13 4.07
CA GLU A 43 -0.24 25.53 4.91
C GLU A 43 0.30 24.34 5.68
N LEU A 44 1.08 23.49 5.03
CA LEU A 44 1.68 22.34 5.72
C LEU A 44 2.59 22.78 6.85
N ALA A 45 3.41 23.81 6.64
CA ALA A 45 4.29 24.30 7.69
C ALA A 45 3.49 24.79 8.89
N GLU A 46 2.43 25.55 8.64
CA GLU A 46 1.59 26.02 9.75
C GLU A 46 0.89 24.87 10.44
N PHE A 47 0.45 23.87 9.67
CA PHE A 47 -0.18 22.69 10.24
C PHE A 47 0.78 21.95 11.16
N LEU A 48 2.00 21.75 10.69
CA LEU A 48 2.99 21.02 11.48
C LEU A 48 3.45 21.83 12.69
N LYS A 49 3.52 23.15 12.55
CA LYS A 49 3.85 24.00 13.69
C LYS A 49 2.79 23.89 14.78
N ALA A 50 1.52 23.83 14.37
CA ALA A 50 0.44 23.69 15.33
C ALA A 50 0.50 22.34 16.04
N LYS A 51 0.81 21.28 15.30
CA LYS A 51 1.04 19.98 15.94
C LYS A 51 2.14 20.08 16.97
N ALA A 52 3.24 20.75 16.62
CA ALA A 52 4.33 20.94 17.58
C ALA A 52 3.86 21.71 18.81
N ASP A 53 3.02 22.72 18.60
CA ASP A 53 2.53 23.53 19.72
C ASP A 53 1.83 22.67 20.77
N THR A 54 1.01 21.72 20.34
CA THR A 54 0.38 20.86 21.35
C THR A 54 1.34 19.81 21.89
N LEU A 55 2.27 19.32 21.07
CA LEU A 55 3.27 18.39 21.60
C LEU A 55 4.09 18.99 22.73
N VAL A 56 4.34 20.31 22.67
CA VAL A 56 5.13 20.96 23.72
C VAL A 56 4.49 20.71 25.09
N ILE A 57 3.17 20.68 25.14
CA ILE A 57 2.47 20.62 26.41
C ILE A 57 1.82 19.26 26.64
N THR A 58 2.26 18.22 25.91
CA THR A 58 1.80 16.84 25.98
C THR A 58 2.69 16.02 26.92
N PRO A 59 2.14 15.25 27.85
CA PRO A 59 2.99 14.44 28.76
C PRO A 59 3.89 13.44 28.03
N GLN A 60 5.06 13.20 28.62
CA GLN A 60 5.87 12.05 28.22
C GLN A 60 5.09 10.76 28.46
N LYS A 61 5.38 9.74 27.64
CA LYS A 61 4.78 8.41 27.78
C LYS A 61 5.55 7.58 28.79
N PRO A 62 4.89 6.96 29.76
CA PRO A 62 5.61 6.05 30.65
C PRO A 62 6.03 4.81 29.89
N TYR A 63 7.11 4.20 30.33
CA TYR A 63 7.51 2.91 29.78
C TYR A 63 6.46 1.89 30.18
N LEU A 64 5.73 1.36 29.21
CA LEU A 64 4.55 0.53 29.50
C LEU A 64 4.27 -0.38 28.33
N LYS A 65 4.45 -1.69 28.51
CA LYS A 65 4.19 -2.63 27.44
C LYS A 65 2.69 -2.83 27.24
N ASP A 66 2.30 -3.08 25.99
CA ASP A 66 0.91 -3.34 25.64
C ASP A 66 0.58 -4.82 25.86
N LYS A 67 -0.65 -5.21 25.48
CA LYS A 67 -1.11 -6.58 25.68
C LYS A 67 -0.22 -7.59 24.99
N TYR A 68 0.53 -7.16 23.98
CA TYR A 68 1.42 -8.01 23.21
C TYR A 68 2.82 -8.07 23.79
N GLY A 69 3.11 -7.27 24.82
CA GLY A 69 4.40 -7.31 25.48
C GLY A 69 5.47 -6.40 24.90
N ASN A 70 5.10 -5.39 24.11
CA ASN A 70 6.10 -4.48 23.56
C ASN A 70 5.65 -3.03 23.70
N ILE A 71 6.58 -2.12 23.40
CA ILE A 71 6.33 -0.69 23.50
C ILE A 71 6.31 -0.02 22.12
N LEU A 72 6.04 -0.79 21.06
CA LEU A 72 6.14 -0.26 19.70
C LEU A 72 5.30 1.00 19.51
N TRP A 73 4.08 1.01 20.07
CA TRP A 73 3.23 2.20 19.94
C TRP A 73 3.90 3.40 20.59
N THR A 74 4.66 3.17 21.67
CA THR A 74 5.34 4.28 22.32
C THR A 74 6.52 4.78 21.49
N SER A 75 7.33 3.86 20.97
CA SER A 75 8.41 4.28 20.08
C SER A 75 7.88 5.08 18.90
N ARG A 76 6.79 4.61 18.29
CA ARG A 76 6.25 5.33 17.14
C ARG A 76 5.74 6.71 17.55
N SER A 77 5.13 6.79 18.73
CA SER A 77 4.71 8.07 19.30
C SER A 77 5.89 9.04 19.35
N TYR A 78 7.07 8.54 19.74
CA TYR A 78 8.23 9.43 19.87
C TYR A 78 8.84 9.78 18.52
N VAL A 79 8.72 8.91 17.51
CA VAL A 79 9.11 9.31 16.17
C VAL A 79 8.35 10.57 15.75
N ASN A 80 7.02 10.54 15.94
CA ASN A 80 6.21 11.72 15.60
C ASN A 80 6.56 12.90 16.48
N ARG A 81 6.66 12.68 17.80
CA ARG A 81 6.88 13.80 18.71
C ARG A 81 8.22 14.47 18.45
N LEU A 82 9.30 13.66 18.40
CA LEU A 82 10.64 14.23 18.29
C LEU A 82 10.87 14.84 16.90
N GLY A 83 10.37 14.19 15.84
CA GLY A 83 10.54 14.76 14.51
C GLY A 83 9.79 16.06 14.35
N THR A 84 8.55 16.11 14.84
CA THR A 84 7.73 17.31 14.68
C THR A 84 8.29 18.46 15.51
N LEU A 85 8.71 18.19 16.74
CA LEU A 85 9.29 19.25 17.57
C LEU A 85 10.58 19.77 16.96
N ALA A 86 11.46 18.88 16.52
CA ALA A 86 12.75 19.30 16.01
C ALA A 86 12.60 20.05 14.70
N LEU A 87 11.65 19.63 13.87
CA LEU A 87 11.34 20.38 12.65
C LEU A 87 10.87 21.80 12.99
N ALA A 88 9.97 21.92 13.96
CA ALA A 88 9.48 23.24 14.33
C ALA A 88 10.61 24.11 14.87
N TYR A 89 11.53 23.53 15.63
CA TYR A 89 12.65 24.34 16.11
C TYR A 89 13.52 24.80 14.94
N ARG A 90 13.82 23.90 13.99
CA ARG A 90 14.68 24.29 12.88
C ARG A 90 14.06 25.40 12.05
N LEU A 91 12.73 25.35 11.86
CA LEU A 91 12.06 26.29 10.96
C LEU A 91 11.71 27.61 11.64
N TYR A 92 11.42 27.59 12.95
CA TYR A 92 10.85 28.74 13.62
C TYR A 92 11.70 29.27 14.76
N GLY A 93 12.60 28.47 15.31
CA GLY A 93 13.56 28.95 16.28
C GLY A 93 13.03 29.25 17.66
N GLU A 94 11.77 28.91 17.93
CA GLU A 94 11.19 29.16 19.24
C GLU A 94 11.70 28.11 20.23
N ARG A 95 12.27 28.55 21.35
CA ARG A 95 12.96 27.55 22.15
C ARG A 95 12.00 26.59 22.86
N LYS A 96 10.70 26.87 22.90
CA LYS A 96 9.78 25.91 23.51
C LYS A 96 9.82 24.57 22.77
N TYR A 97 10.08 24.61 21.46
CA TYR A 97 10.18 23.37 20.68
C TYR A 97 11.45 22.62 21.04
N LEU A 98 12.57 23.35 21.13
CA LEU A 98 13.84 22.75 21.52
C LEU A 98 13.75 22.14 22.91
N ASP A 99 13.23 22.91 23.87
CA ASP A 99 13.17 22.41 25.25
C ASP A 99 12.24 21.22 25.37
N ALA A 100 11.14 21.18 24.61
CA ALA A 100 10.28 20.01 24.67
C ALA A 100 10.98 18.79 24.08
N ALA A 101 11.77 18.99 23.02
CA ALA A 101 12.50 17.86 22.46
C ALA A 101 13.58 17.38 23.43
N ASN A 102 14.28 18.33 24.07
CA ASN A 102 15.24 17.98 25.12
C ASN A 102 14.60 17.11 26.20
N GLU A 103 13.44 17.54 26.70
CA GLU A 103 12.76 16.77 27.74
C GLU A 103 12.44 15.36 27.26
N ALA A 104 11.95 15.23 26.03
CA ALA A 104 11.62 13.92 25.46
C ALA A 104 12.87 13.05 25.30
N LEU A 105 13.96 13.64 24.82
CA LEU A 105 15.19 12.87 24.67
C LEU A 105 15.66 12.33 26.01
N LEU A 106 15.73 13.18 27.02
CA LEU A 106 16.16 12.72 28.35
C LEU A 106 15.22 11.64 28.86
N TRP A 107 13.91 11.81 28.62
CA TRP A 107 12.93 10.84 29.09
C TRP A 107 13.17 9.45 28.51
N VAL A 108 13.24 9.35 27.18
CA VAL A 108 13.34 8.02 26.59
C VAL A 108 14.72 7.42 26.79
N CYS A 109 15.73 8.27 27.01
CA CYS A 109 17.05 7.72 27.32
C CYS A 109 17.08 7.18 28.74
N ASN A 110 16.15 7.61 29.59
CA ASN A 110 16.07 7.12 30.95
C ASN A 110 15.11 5.96 31.12
N TYR A 111 14.45 5.54 30.03
CA TYR A 111 13.81 4.23 30.00
C TYR A 111 14.84 3.16 30.39
N PRO A 112 14.43 2.08 31.04
CA PRO A 112 15.38 1.00 31.35
C PRO A 112 16.00 0.41 30.10
N ASP A 113 15.26 0.38 29.01
CA ASP A 113 15.77 -0.16 27.75
C ASP A 113 14.84 0.35 26.66
N TRP A 114 15.15 0.01 25.41
CA TRP A 114 14.25 0.24 24.30
C TRP A 114 13.66 -1.07 23.80
N ASP A 115 13.39 -1.98 24.75
CA ASP A 115 12.76 -3.27 24.51
C ASP A 115 13.31 -4.06 23.32
N PRO A 116 14.60 -4.39 23.32
CA PRO A 116 15.19 -5.09 22.16
C PRO A 116 14.60 -6.48 21.93
N PRO A 117 14.00 -7.16 22.93
CA PRO A 117 13.30 -8.42 22.60
C PRO A 117 12.24 -8.32 21.51
N HIS A 118 11.73 -7.11 21.21
CA HIS A 118 10.81 -6.84 20.09
C HIS A 118 11.47 -5.68 19.31
N TYR A 119 12.41 -6.02 18.42
CA TYR A 119 13.43 -5.04 18.04
C TYR A 119 12.88 -3.88 17.21
N LEU A 120 11.71 -4.03 16.59
CA LEU A 120 11.04 -2.87 16.00
C LEU A 120 10.96 -1.70 16.99
N ASP A 121 10.73 -2.03 18.28
CA ASP A 121 10.72 -1.01 19.32
C ASP A 121 12.02 -0.23 19.35
N THR A 122 13.14 -0.95 19.32
CA THR A 122 14.44 -0.29 19.35
C THR A 122 14.69 0.45 18.03
N ALA A 123 14.27 -0.14 16.90
CA ALA A 123 14.54 0.46 15.60
C ALA A 123 13.86 1.82 15.49
N GLU A 124 12.60 1.90 15.90
CA GLU A 124 11.88 3.15 15.76
C GLU A 124 12.27 4.13 16.86
N MET A 125 12.56 3.65 18.07
CA MET A 125 13.02 4.58 19.10
C MET A 125 14.36 5.20 18.70
N ALA A 126 15.30 4.37 18.21
CA ALA A 126 16.59 4.88 17.74
C ALA A 126 16.42 5.89 16.61
N THR A 127 15.47 5.64 15.70
CA THR A 127 15.19 6.58 14.63
C THR A 127 14.75 7.93 15.19
N ALA A 128 13.80 7.91 16.13
CA ALA A 128 13.30 9.14 16.73
C ALA A 128 14.42 9.91 17.41
N VAL A 129 15.23 9.19 18.20
CA VAL A 129 16.28 9.81 18.99
C VAL A 129 17.40 10.33 18.09
N ALA A 130 17.79 9.54 17.08
CA ALA A 130 18.84 9.99 16.17
C ALA A 130 18.43 11.23 15.40
N ILE A 131 17.17 11.31 14.96
CA ILE A 131 16.72 12.47 14.19
C ILE A 131 16.80 13.73 15.05
N ALA A 132 16.26 13.67 16.27
CA ALA A 132 16.29 14.86 17.11
C ALA A 132 17.71 15.27 17.49
N TYR A 133 18.54 14.29 17.87
CA TYR A 133 19.94 14.55 18.17
C TYR A 133 20.62 15.27 17.03
N ASP A 134 20.43 14.76 15.82
CA ASP A 134 21.06 15.31 14.62
C ASP A 134 20.50 16.70 14.30
N TRP A 135 19.18 16.88 14.42
CA TRP A 135 18.56 18.14 14.05
C TRP A 135 18.73 19.24 15.10
N LEU A 136 19.09 18.89 16.33
CA LEU A 136 19.19 19.86 17.42
C LEU A 136 20.59 19.89 18.00
N TYR A 137 21.56 19.31 17.26
CA TYR A 137 22.89 19.02 17.80
C TYR A 137 23.53 20.22 18.48
N ASP A 138 23.55 21.37 17.80
CA ASP A 138 24.21 22.56 18.36
C ASP A 138 23.34 23.29 19.38
N ALA A 139 22.10 22.86 19.53
CA ALA A 139 21.07 23.55 20.28
C ALA A 139 20.63 22.77 21.49
N LEU A 140 21.37 21.76 21.87
CA LEU A 140 20.96 20.99 23.01
C LEU A 140 22.01 21.11 24.10
N PRO A 141 21.62 20.94 25.36
CA PRO A 141 22.60 20.91 26.44
C PRO A 141 23.61 19.78 26.24
N THR A 142 24.86 20.07 26.59
CA THR A 142 25.90 19.06 26.42
C THR A 142 25.59 17.78 27.18
N SER A 143 24.99 17.90 28.38
CA SER A 143 24.68 16.70 29.15
C SER A 143 23.66 15.83 28.44
N THR A 144 22.71 16.45 27.74
CA THR A 144 21.74 15.67 26.96
C THR A 144 22.42 14.99 25.78
N LYS A 145 23.29 15.71 25.08
CA LYS A 145 23.99 15.11 23.94
C LYS A 145 24.84 13.92 24.38
N ASP A 146 25.52 14.04 25.53
CA ASP A 146 26.33 12.93 26.03
C ASP A 146 25.46 11.71 26.30
N LEU A 147 24.32 11.91 26.94
CA LEU A 147 23.45 10.79 27.29
C LEU A 147 22.86 10.17 26.03
N VAL A 148 22.43 11.00 25.09
CA VAL A 148 21.84 10.48 23.86
C VAL A 148 22.86 9.67 23.07
N LYS A 149 24.09 10.21 22.94
CA LYS A 149 25.13 9.49 22.21
C LYS A 149 25.39 8.12 22.83
N LYS A 150 25.50 8.08 24.16
CA LYS A 150 25.76 6.81 24.82
C LYS A 150 24.61 5.82 24.63
N CYS A 151 23.36 6.30 24.67
CA CYS A 151 22.22 5.42 24.45
C CYS A 151 22.16 4.90 23.02
N LEU A 152 22.43 5.77 22.04
CA LEU A 152 22.45 5.30 20.66
C LEU A 152 23.55 4.27 20.47
N TYR A 153 24.72 4.52 21.05
CA TYR A 153 25.82 3.58 20.90
C TYR A 153 25.49 2.23 21.54
N GLU A 154 25.00 2.25 22.79
CA GLU A 154 24.81 1.00 23.51
C GLU A 154 23.55 0.26 23.09
N ARG A 155 22.45 0.99 22.87
CA ARG A 155 21.17 0.34 22.60
C ARG A 155 20.95 0.06 21.12
N ALA A 156 21.72 0.69 20.23
CA ALA A 156 21.59 0.46 18.80
C ALA A 156 22.87 -0.07 18.18
N ILE A 157 23.97 0.71 18.19
CA ILE A 157 25.14 0.32 17.40
C ILE A 157 25.73 -0.99 17.93
N VAL A 158 25.92 -1.09 19.25
CA VAL A 158 26.52 -2.30 19.79
C VAL A 158 25.65 -3.52 19.47
N ARG A 159 24.33 -3.39 19.61
CA ARG A 159 23.44 -4.53 19.35
C ARG A 159 23.44 -4.95 17.90
N VAL A 160 23.41 -3.99 16.96
CA VAL A 160 23.31 -4.42 15.57
C VAL A 160 24.63 -4.99 15.08
N LEU A 161 25.76 -4.48 15.56
CA LEU A 161 27.03 -5.10 15.18
C LEU A 161 27.07 -6.56 15.61
N ARG A 162 26.59 -6.85 16.82
CA ARG A 162 26.48 -8.23 17.25
C ARG A 162 25.51 -9.01 16.36
N GLU A 163 24.40 -8.38 15.98
CA GLU A 163 23.41 -9.10 15.20
C GLU A 163 23.93 -9.46 13.82
N TYR A 164 24.73 -8.57 13.22
CA TYR A 164 25.31 -8.85 11.91
C TYR A 164 26.29 -10.01 12.00
N GLU A 165 27.11 -10.03 13.06
CA GLU A 165 28.12 -11.07 13.20
C GLU A 165 27.50 -12.42 13.56
N LYS A 166 26.53 -12.42 14.48
CA LYS A 166 26.03 -13.66 15.07
C LYS A 166 24.68 -14.10 14.54
N GLY A 167 23.89 -13.20 13.95
CA GLY A 167 22.52 -13.54 13.61
C GLY A 167 22.43 -14.56 12.49
N SER A 168 21.46 -15.46 12.62
CA SER A 168 21.09 -16.37 11.55
C SER A 168 20.24 -15.65 10.51
N LEU A 169 19.86 -16.38 9.46
CA LEU A 169 18.99 -15.79 8.45
C LEU A 169 17.61 -15.45 9.02
N GLY A 170 17.25 -15.99 10.19
CA GLY A 170 16.00 -15.64 10.84
C GLY A 170 16.05 -14.37 11.67
N SER A 171 17.25 -13.80 11.81
CA SER A 171 17.47 -12.58 12.59
C SER A 171 16.63 -11.43 12.04
N TRP A 172 16.27 -10.50 12.92
CA TRP A 172 15.53 -9.31 12.50
C TRP A 172 16.36 -8.47 11.54
N ALA A 173 17.67 -8.64 11.52
CA ALA A 173 18.53 -7.91 10.60
C ALA A 173 18.68 -8.59 9.24
N LYS A 174 18.19 -9.83 9.09
CA LYS A 174 18.50 -10.63 7.92
C LYS A 174 17.31 -11.36 7.32
N ARG A 175 16.16 -11.41 7.98
CA ARG A 175 15.02 -12.18 7.52
C ARG A 175 14.39 -11.53 6.30
N GLU A 176 13.40 -12.21 5.73
CA GLU A 176 12.79 -11.76 4.49
C GLU A 176 11.57 -10.87 4.69
N THR A 177 11.17 -10.60 5.94
CA THR A 177 10.03 -9.74 6.21
C THR A 177 10.49 -8.27 6.34
N ASN A 178 9.51 -7.38 6.49
CA ASN A 178 9.85 -5.95 6.51
C ASN A 178 10.54 -5.53 7.80
N TRP A 179 10.61 -6.40 8.81
CA TRP A 179 11.47 -6.17 9.96
C TRP A 179 12.90 -5.85 9.53
N ASN A 180 13.40 -6.57 8.52
CA ASN A 180 14.74 -6.35 7.98
C ASN A 180 14.93 -4.90 7.57
N VAL A 181 14.00 -4.38 6.77
CA VAL A 181 14.14 -2.99 6.29
C VAL A 181 14.00 -2.01 7.45
N VAL A 182 12.98 -2.18 8.29
CA VAL A 182 12.76 -1.23 9.38
C VAL A 182 13.94 -1.24 10.35
N CYS A 183 14.39 -2.43 10.76
CA CYS A 183 15.47 -2.51 11.74
C CYS A 183 16.78 -2.02 11.15
N ASN A 184 17.13 -2.48 9.94
CA ASN A 184 18.39 -2.01 9.35
C ASN A 184 18.34 -0.52 9.12
N THR A 185 17.17 0.02 8.74
CA THR A 185 17.06 1.48 8.56
C THR A 185 17.33 2.22 9.87
N GLY A 186 16.64 1.82 10.96
CA GLY A 186 16.84 2.49 12.23
C GLY A 186 18.29 2.44 12.68
N MET A 187 18.95 1.33 12.42
CA MET A 187 20.36 1.15 12.78
C MET A 187 21.27 2.05 11.94
N VAL A 188 21.01 2.14 10.63
CA VAL A 188 21.76 3.05 9.77
C VAL A 188 21.60 4.50 10.23
N LEU A 189 20.38 4.90 10.58
CA LEU A 189 20.18 6.28 11.03
C LEU A 189 20.88 6.56 12.35
N ALA A 190 20.80 5.62 13.30
CA ALA A 190 21.52 5.76 14.56
C ALA A 190 23.03 5.88 14.31
N ALA A 191 23.57 4.99 13.48
CA ALA A 191 25.00 4.99 13.18
C ALA A 191 25.44 6.29 12.53
N LEU A 192 24.70 6.76 11.52
CA LEU A 192 25.02 8.03 10.88
C LEU A 192 24.87 9.18 11.87
N GLY A 193 23.86 9.12 12.74
CA GLY A 193 23.68 10.17 13.72
C GLY A 193 24.87 10.40 14.63
N ILE A 194 25.62 9.35 14.95
CA ILE A 194 26.79 9.51 15.83
C ILE A 194 28.07 9.14 15.10
N ALA A 195 28.05 9.27 13.77
CA ALA A 195 29.14 8.74 12.95
C ALA A 195 30.47 9.41 13.25
N GLU A 196 30.48 10.71 13.59
CA GLU A 196 31.77 11.36 13.81
C GLU A 196 32.48 10.81 15.04
N ASP A 197 31.73 10.19 15.95
CA ASP A 197 32.31 9.58 17.14
C ASP A 197 32.52 8.08 16.98
N TYR A 198 31.82 7.44 16.04
CA TYR A 198 31.96 6.01 15.78
C TYR A 198 32.03 5.76 14.28
N PRO A 199 33.04 6.33 13.61
CA PRO A 199 33.07 6.24 12.14
C PRO A 199 33.28 4.83 11.62
N LYS A 200 34.14 4.03 12.27
CA LYS A 200 34.33 2.67 11.79
C LYS A 200 33.05 1.85 11.92
N GLU A 201 32.34 2.04 13.03
CA GLU A 201 31.09 1.31 13.21
C GLU A 201 30.05 1.72 12.16
N ALA A 202 30.00 3.01 11.83
CA ALA A 202 29.01 3.48 10.86
C ALA A 202 29.28 2.89 9.47
N ALA A 203 30.55 2.73 9.11
CA ALA A 203 30.87 2.14 7.82
C ALA A 203 30.47 0.66 7.78
N VAL A 204 30.75 -0.07 8.85
CA VAL A 204 30.37 -1.48 8.93
C VAL A 204 28.86 -1.63 8.86
N ILE A 205 28.13 -0.72 9.51
CA ILE A 205 26.68 -0.84 9.53
C ILE A 205 26.09 -0.49 8.16
N LEU A 206 26.63 0.52 7.50
CA LEU A 206 26.20 0.86 6.14
C LEU A 206 26.37 -0.34 5.21
N ASP A 207 27.52 -1.01 5.28
CA ASP A 207 27.77 -2.11 4.36
C ASP A 207 26.92 -3.32 4.69
N ASN A 208 26.72 -3.62 5.97
CA ASN A 208 25.88 -4.77 6.30
C ASN A 208 24.43 -4.49 5.96
N ALA A 209 23.97 -3.25 6.17
CA ALA A 209 22.59 -2.94 5.81
C ALA A 209 22.35 -3.19 4.33
N ALA A 210 23.24 -2.69 3.48
CA ALA A 210 23.09 -2.91 2.04
C ALA A 210 23.21 -4.38 1.68
N LYS A 211 23.93 -5.17 2.50
CA LYS A 211 24.07 -6.59 2.21
C LYS A 211 22.79 -7.36 2.52
N TYR A 212 22.12 -7.06 3.64
CA TYR A 212 21.02 -7.88 4.09
C TYR A 212 19.65 -7.41 3.64
N MET A 213 19.49 -6.11 3.39
CA MET A 213 18.19 -5.57 3.06
C MET A 213 17.59 -6.21 1.79
N PRO A 214 18.38 -6.62 0.79
CA PRO A 214 17.78 -7.33 -0.36
C PRO A 214 17.05 -8.63 0.02
N ASN A 215 17.35 -9.24 1.17
CA ASN A 215 16.61 -10.46 1.54
C ASN A 215 15.12 -10.18 1.67
N CYS A 216 14.76 -8.94 2.04
CA CYS A 216 13.38 -8.50 2.05
C CYS A 216 12.99 -7.87 0.71
N LEU A 217 13.80 -6.93 0.23
CA LEU A 217 13.41 -6.10 -0.89
C LEU A 217 13.34 -6.86 -2.23
N LYS A 218 13.95 -8.05 -2.33
CA LYS A 218 13.86 -8.79 -3.58
C LYS A 218 12.43 -9.16 -3.90
N HIS A 219 11.55 -9.19 -2.90
CA HIS A 219 10.16 -9.54 -3.11
C HIS A 219 9.34 -8.43 -3.76
N PHE A 220 9.93 -7.22 -3.91
CA PHE A 220 9.32 -6.15 -4.69
C PHE A 220 9.47 -6.37 -6.19
N ALA A 221 10.30 -7.30 -6.59
CA ALA A 221 10.51 -7.59 -7.99
C ALA A 221 9.32 -8.39 -8.52
N PRO A 222 8.97 -8.21 -9.81
CA PRO A 222 9.66 -7.35 -10.77
C PRO A 222 9.07 -5.94 -10.90
N ASP A 223 7.82 -5.74 -10.45
CA ASP A 223 7.05 -4.55 -10.80
C ASP A 223 6.67 -3.70 -9.60
N GLY A 224 7.18 -4.00 -8.42
CA GLY A 224 6.91 -3.17 -7.26
C GLY A 224 5.70 -3.54 -6.45
N VAL A 225 5.10 -4.70 -6.71
CA VAL A 225 3.93 -5.15 -5.97
C VAL A 225 4.35 -5.60 -4.57
N CYS A 226 3.61 -5.14 -3.57
CA CYS A 226 3.74 -5.62 -2.19
C CYS A 226 2.56 -6.56 -1.94
N TYR A 227 2.84 -7.87 -1.95
CA TYR A 227 1.77 -8.84 -1.83
C TYR A 227 0.99 -8.65 -0.54
N GLU A 228 1.69 -8.35 0.56
CA GLU A 228 1.08 -8.26 1.88
C GLU A 228 0.11 -7.10 2.03
N GLY A 229 0.02 -6.19 1.06
CA GLY A 229 -1.01 -5.18 1.09
C GLY A 229 -0.53 -3.80 1.55
N PRO A 230 -1.44 -2.83 1.49
CA PRO A 230 -1.01 -1.42 1.62
C PRO A 230 -0.47 -1.05 2.99
N ALA A 231 -1.00 -1.61 4.08
CA ALA A 231 -0.47 -1.29 5.40
C ALA A 231 0.97 -1.77 5.51
N TYR A 232 1.22 -3.01 5.11
CA TYR A 232 2.57 -3.57 5.12
C TYR A 232 3.50 -2.78 4.21
N TRP A 233 3.03 -2.43 3.01
CA TRP A 233 3.81 -1.59 2.12
C TRP A 233 4.17 -0.26 2.78
N GLY A 234 3.19 0.36 3.45
CA GLY A 234 3.43 1.66 4.06
C GLY A 234 4.50 1.63 5.13
N TYR A 235 4.52 0.58 5.96
CA TYR A 235 5.56 0.46 6.97
C TYR A 235 6.91 0.19 6.32
N THR A 236 6.96 -0.76 5.37
CA THR A 236 8.20 -1.09 4.69
C THR A 236 8.80 0.13 4.00
N THR A 237 7.99 0.85 3.23
CA THR A 237 8.58 1.90 2.41
C THR A 237 8.78 3.20 3.16
N SER A 238 8.01 3.46 4.23
CA SER A 238 8.29 4.66 5.00
C SER A 238 9.71 4.59 5.55
N TYR A 239 10.11 3.42 6.08
CA TYR A 239 11.47 3.27 6.55
C TYR A 239 12.47 3.11 5.40
N LEU A 240 12.10 2.38 4.33
CA LEU A 240 13.01 2.29 3.19
C LEU A 240 13.41 3.68 2.67
N THR A 241 12.45 4.61 2.61
CA THR A 241 12.82 5.91 2.04
C THR A 241 13.74 6.69 2.97
N LEU A 242 13.64 6.49 4.28
CA LEU A 242 14.62 7.11 5.17
C LEU A 242 16.01 6.61 4.85
N TYR A 243 16.15 5.30 4.69
CA TYR A 243 17.42 4.68 4.32
C TYR A 243 17.92 5.22 2.98
N LEU A 244 17.06 5.23 1.96
CA LEU A 244 17.47 5.67 0.63
C LEU A 244 17.97 7.11 0.67
N LYS A 245 17.23 7.98 1.37
CA LYS A 245 17.64 9.37 1.47
C LYS A 245 18.94 9.50 2.24
N ALA A 246 19.05 8.80 3.37
CA ALA A 246 20.24 8.93 4.20
C ALA A 246 21.49 8.46 3.47
N VAL A 247 21.40 7.34 2.75
CA VAL A 247 22.62 6.87 2.09
C VAL A 247 22.89 7.65 0.82
N ALA A 248 21.85 8.14 0.13
CA ALA A 248 22.09 9.09 -0.95
C ALA A 248 22.85 10.30 -0.44
N ASP A 249 22.47 10.84 0.73
CA ASP A 249 23.11 12.06 1.23
C ASP A 249 24.51 11.81 1.77
N ASN A 250 24.70 10.69 2.45
CA ASN A 250 25.90 10.49 3.26
C ASN A 250 26.93 9.56 2.66
N ASP A 251 26.50 8.63 1.81
CA ASP A 251 27.37 7.53 1.40
C ASP A 251 27.34 7.34 -0.10
N ASN A 252 27.03 8.41 -0.84
CA ASN A 252 27.12 8.43 -2.29
C ASN A 252 26.20 7.39 -2.94
N GLY A 253 25.16 6.96 -2.22
CA GLY A 253 24.28 5.92 -2.73
C GLY A 253 24.90 4.54 -2.81
N LYS A 254 26.03 4.32 -2.15
CA LYS A 254 26.71 3.03 -2.20
C LYS A 254 25.78 1.89 -1.78
N GLY A 255 25.88 0.76 -2.47
CA GLY A 255 25.15 -0.44 -2.12
C GLY A 255 24.02 -0.79 -3.06
N GLY A 256 23.60 0.13 -3.91
CA GLY A 256 22.69 -0.20 -5.00
C GLY A 256 21.27 -0.57 -4.58
N ILE A 257 20.87 -0.26 -3.35
CA ILE A 257 19.51 -0.63 -2.94
C ILE A 257 18.49 0.09 -3.82
N ALA A 258 18.72 1.37 -4.11
CA ALA A 258 17.76 2.17 -4.87
C ALA A 258 17.49 1.61 -6.26
N GLN A 259 18.42 0.82 -6.79
CA GLN A 259 18.30 0.28 -8.13
C GLN A 259 17.72 -1.12 -8.18
N LEU A 260 17.31 -1.68 -7.04
CA LEU A 260 16.75 -3.04 -7.05
C LEU A 260 15.46 -3.06 -7.88
N PRO A 261 15.25 -4.12 -8.65
CA PRO A 261 14.09 -4.16 -9.55
C PRO A 261 12.78 -4.10 -8.78
N GLY A 262 11.86 -3.27 -9.29
CA GLY A 262 10.57 -3.05 -8.68
C GLY A 262 10.49 -1.83 -7.79
N LEU A 263 11.61 -1.41 -7.19
CA LEU A 263 11.55 -0.28 -6.25
C LEU A 263 11.17 1.00 -6.97
N GLU A 264 11.68 1.20 -8.19
CA GLU A 264 11.34 2.40 -8.94
C GLU A 264 9.84 2.53 -9.14
N ARG A 265 9.14 1.42 -9.35
CA ARG A 265 7.72 1.43 -9.69
C ARG A 265 6.79 1.30 -8.49
N THR A 266 7.32 1.16 -7.27
CA THR A 266 6.44 0.69 -6.19
C THR A 266 5.50 1.79 -5.68
N ALA A 267 5.93 3.05 -5.67
CA ALA A 267 5.00 4.11 -5.29
C ALA A 267 3.95 4.31 -6.37
N LEU A 268 4.37 4.18 -7.64
CA LEU A 268 3.43 4.26 -8.76
C LEU A 268 2.37 3.18 -8.65
N TYR A 269 2.77 1.97 -8.28
CA TYR A 269 1.77 0.92 -8.03
C TYR A 269 0.73 1.39 -7.02
N GLN A 270 1.19 1.94 -5.90
CA GLN A 270 0.24 2.30 -4.86
C GLN A 270 -0.70 3.40 -5.34
N LYS A 271 -0.18 4.39 -6.07
CA LYS A 271 -1.03 5.49 -6.54
C LYS A 271 -1.98 5.01 -7.64
N ARG A 272 -1.46 4.23 -8.59
CA ARG A 272 -2.18 3.91 -9.80
C ARG A 272 -3.26 2.85 -9.61
N THR A 273 -3.20 2.08 -8.52
CA THR A 273 -4.20 1.04 -8.26
C THR A 273 -5.38 1.55 -7.43
N LEU A 274 -5.39 2.82 -7.06
CA LEU A 274 -6.58 3.42 -6.50
C LEU A 274 -7.50 3.87 -7.63
N THR A 275 -8.81 3.77 -7.41
CA THR A 275 -9.73 4.35 -8.38
C THR A 275 -9.56 5.87 -8.36
N PRO A 276 -10.02 6.56 -9.40
CA PRO A 276 -9.91 8.03 -9.40
C PRO A 276 -10.53 8.68 -8.18
N SER A 277 -11.66 8.15 -7.69
CA SER A 277 -12.29 8.65 -6.48
C SER A 277 -11.55 8.25 -5.20
N GLY A 278 -10.49 7.44 -5.31
CA GLY A 278 -9.66 7.11 -4.18
C GLY A 278 -9.93 5.77 -3.52
N ARG A 279 -10.75 4.93 -4.11
CA ARG A 279 -11.13 3.69 -3.45
C ARG A 279 -10.07 2.61 -3.62
N LEU A 280 -9.77 1.91 -2.53
CA LEU A 280 -8.78 0.84 -2.56
C LEU A 280 -9.41 -0.47 -3.01
N PHE A 281 -8.69 -1.22 -3.83
CA PHE A 281 -9.07 -2.57 -4.23
C PHE A 281 -8.92 -3.48 -3.02
N ASN A 282 -9.95 -3.53 -2.18
CA ASN A 282 -9.88 -4.18 -0.88
C ASN A 282 -10.09 -5.69 -1.00
N PHE A 283 -9.18 -6.33 -1.73
CA PHE A 283 -9.27 -7.79 -1.85
C PHE A 283 -8.58 -8.45 -0.67
N GLY A 284 -8.91 -9.73 -0.45
CA GLY A 284 -8.44 -10.41 0.74
C GLY A 284 -8.79 -9.61 1.98
N ASN A 285 -7.78 -9.33 2.81
CA ASN A 285 -7.99 -8.50 3.99
C ASN A 285 -7.36 -7.12 3.86
N ALA A 286 -7.07 -6.68 2.63
CA ALA A 286 -6.50 -5.35 2.44
C ALA A 286 -7.49 -4.29 2.90
N GLY A 287 -6.97 -3.22 3.48
CA GLY A 287 -7.81 -2.14 3.94
C GLY A 287 -7.02 -0.85 4.00
N ALA A 288 -7.76 0.27 3.95
CA ALA A 288 -7.14 1.59 3.95
C ALA A 288 -6.72 1.98 5.36
N ASP A 289 -5.42 2.16 5.57
CA ASP A 289 -4.88 2.67 6.82
C ASP A 289 -3.58 3.42 6.55
N ALA A 290 -2.83 2.97 5.54
CA ALA A 290 -1.62 3.65 5.09
C ALA A 290 -2.02 4.65 4.01
N GLN A 291 -2.00 5.94 4.35
CA GLN A 291 -2.42 6.98 3.42
C GLN A 291 -1.36 8.04 3.19
N ASN A 292 -0.75 8.58 4.24
CA ASN A 292 -0.03 9.84 4.09
C ASN A 292 1.44 9.75 4.51
N SER A 293 2.07 8.57 4.39
CA SER A 293 3.51 8.48 4.64
C SER A 293 4.27 9.38 3.67
N PRO A 294 5.34 10.03 4.12
CA PRO A 294 6.11 10.91 3.24
C PRO A 294 6.96 10.16 2.23
N ALA A 295 6.93 8.83 2.26
CA ALA A 295 7.70 8.07 1.29
C ALA A 295 7.40 8.52 -0.13
N PHE A 296 6.17 8.95 -0.39
CA PHE A 296 5.79 9.31 -1.76
C PHE A 296 6.66 10.42 -2.33
N PHE A 297 7.06 11.38 -1.48
CA PHE A 297 7.89 12.49 -1.97
C PHE A 297 9.33 12.04 -2.23
N LEU A 298 9.84 11.05 -1.50
CA LEU A 298 11.17 10.54 -1.83
C LEU A 298 11.13 9.82 -3.16
N PHE A 299 10.13 8.95 -3.35
CA PHE A 299 10.00 8.25 -4.62
C PHE A 299 9.79 9.24 -5.77
N SER A 300 8.93 10.24 -5.58
CA SER A 300 8.65 11.15 -6.69
C SER A 300 9.90 11.90 -7.10
N ARG A 301 10.71 12.32 -6.13
CA ARG A 301 11.91 13.08 -6.47
C ARG A 301 13.02 12.15 -6.98
N MET A 302 13.29 11.05 -6.27
CA MET A 302 14.43 10.21 -6.63
C MET A 302 14.23 9.52 -7.98
N TYR A 303 13.01 9.10 -8.28
CA TYR A 303 12.74 8.37 -9.51
C TYR A 303 12.01 9.23 -10.55
N ASN A 304 11.96 10.55 -10.34
CA ASN A 304 11.38 11.50 -11.29
C ASN A 304 9.97 11.09 -11.72
N GLN A 305 9.06 11.06 -10.74
CA GLN A 305 7.65 10.74 -10.97
C GLN A 305 6.77 11.86 -10.43
N PRO A 306 6.69 12.97 -11.15
CA PRO A 306 5.83 14.09 -10.69
C PRO A 306 4.38 13.69 -10.50
N GLU A 307 3.92 12.67 -11.23
CA GLU A 307 2.57 12.14 -11.02
C GLU A 307 2.33 11.75 -9.58
N VAL A 308 3.34 11.13 -8.96
CA VAL A 308 3.23 10.72 -7.56
C VAL A 308 3.27 11.94 -6.63
N ALA A 309 4.13 12.92 -6.93
CA ALA A 309 4.16 14.14 -6.12
C ALA A 309 2.81 14.83 -6.14
N GLU A 310 2.24 15.00 -7.33
CA GLU A 310 0.96 15.68 -7.47
C GLU A 310 -0.13 14.95 -6.70
N TRP A 311 -0.16 13.62 -6.79
CA TRP A 311 -1.14 12.84 -6.05
C TRP A 311 -0.92 12.98 -4.54
N TYR A 312 0.34 12.95 -4.07
CA TYR A 312 0.55 13.05 -2.63
C TYR A 312 0.19 14.44 -2.11
N ARG A 313 0.38 15.49 -2.92
CA ARG A 313 -0.05 16.81 -2.47
C ARG A 313 -1.57 16.84 -2.25
N GLU A 314 -2.32 16.15 -3.12
CA GLU A 314 -3.77 16.08 -2.92
C GLU A 314 -4.09 15.38 -1.61
N LYS A 315 -3.35 14.31 -1.29
CA LYS A 315 -3.51 13.63 -0.02
C LYS A 315 -3.16 14.54 1.16
N LEU A 316 -2.12 15.37 1.01
CA LEU A 316 -1.76 16.32 2.06
C LEU A 316 -2.89 17.30 2.32
N LYS A 317 -3.51 17.82 1.25
CA LYS A 317 -4.64 18.74 1.42
C LYS A 317 -5.78 18.07 2.18
N LEU A 318 -6.09 16.83 1.81
CA LEU A 318 -7.17 16.11 2.47
C LEU A 318 -6.84 15.78 3.92
N THR A 319 -5.58 15.40 4.18
CA THR A 319 -5.15 15.13 5.55
C THR A 319 -5.36 16.35 6.43
N MET A 320 -5.03 17.52 5.91
CA MET A 320 -5.11 18.74 6.69
C MET A 320 -6.56 19.20 6.83
N GLN A 321 -7.32 19.09 5.74
CA GLN A 321 -8.71 19.54 5.72
C GLN A 321 -9.57 18.70 6.68
N ASP A 322 -9.44 17.38 6.61
CA ASP A 322 -10.29 16.50 7.40
C ASP A 322 -9.62 16.02 8.69
N ASN A 323 -8.43 16.51 9.00
CA ASN A 323 -7.77 16.21 10.27
C ASN A 323 -7.54 14.70 10.42
N LEU A 324 -7.03 14.08 9.36
CA LEU A 324 -6.82 12.64 9.33
C LEU A 324 -5.62 12.24 10.19
N LEU A 325 -5.62 10.99 10.61
CA LEU A 325 -4.51 10.46 11.42
C LEU A 325 -3.20 10.54 10.64
N LEU A 326 -2.11 10.80 11.35
CA LEU A 326 -0.83 11.07 10.73
C LEU A 326 0.10 9.87 10.86
N HIS A 327 0.74 9.49 9.76
CA HIS A 327 1.86 8.55 9.83
C HIS A 327 2.90 9.07 10.81
N GLN A 328 3.60 8.15 11.49
CA GLN A 328 4.55 8.63 12.49
C GLN A 328 5.67 9.45 11.87
N LEU A 329 5.95 9.25 10.58
CA LEU A 329 6.99 10.01 9.87
C LEU A 329 6.42 11.18 9.06
N PHE A 330 5.16 11.55 9.29
CA PHE A 330 4.49 12.59 8.51
C PHE A 330 5.25 13.90 8.48
N PHE A 331 5.95 14.25 9.55
CA PHE A 331 6.67 15.53 9.59
C PHE A 331 7.65 15.70 8.41
N LEU A 332 8.15 14.61 7.83
CA LEU A 332 9.08 14.75 6.70
C LEU A 332 8.42 15.25 5.44
N SER A 333 7.08 15.25 5.37
CA SER A 333 6.41 15.73 4.16
C SER A 333 6.83 17.15 3.81
N LEU A 334 7.20 17.95 4.82
CA LEU A 334 7.53 19.35 4.55
C LEU A 334 8.95 19.50 3.98
N PRO A 335 10.02 19.03 4.64
CA PRO A 335 11.34 19.18 4.01
C PRO A 335 11.46 18.42 2.71
N TRP A 336 10.73 17.33 2.55
CA TRP A 336 10.78 16.55 1.32
C TRP A 336 9.84 17.09 0.25
N PHE A 337 9.10 18.15 0.54
CA PHE A 337 8.06 18.66 -0.36
C PHE A 337 8.53 18.73 -1.81
N ASP A 338 7.74 18.13 -2.70
CA ASP A 338 8.02 18.09 -4.13
C ASP A 338 6.85 18.79 -4.85
N ASN A 339 7.15 19.91 -5.52
CA ASN A 339 6.12 20.73 -6.14
C ASN A 339 5.85 20.38 -7.59
N ALA A 340 6.46 19.32 -8.11
CA ALA A 340 6.40 19.00 -9.53
C ALA A 340 5.04 18.43 -9.94
N SER A 341 4.70 18.64 -11.20
CA SER A 341 3.48 18.08 -11.79
C SER A 341 3.80 17.48 -13.15
N PRO A 342 3.07 16.45 -13.57
CA PRO A 342 3.30 15.90 -14.91
C PRO A 342 3.06 16.96 -15.97
N LYS A 343 3.75 16.81 -17.09
CA LYS A 343 3.48 17.66 -18.23
C LYS A 343 2.16 17.25 -18.88
N LYS A 344 1.50 18.22 -19.52
CA LYS A 344 0.23 17.94 -20.17
C LYS A 344 0.29 16.73 -21.10
N VAL A 345 1.44 16.53 -21.75
CA VAL A 345 1.55 15.48 -22.77
C VAL A 345 1.59 14.09 -22.14
N GLU A 346 2.05 13.98 -20.89
CA GLU A 346 2.16 12.68 -20.23
C GLU A 346 0.79 12.13 -19.86
N LYS A 347 0.56 10.85 -20.19
CA LYS A 347 -0.72 10.22 -19.94
C LYS A 347 -0.52 8.93 -19.16
N ILE A 348 -1.49 8.63 -18.32
CA ILE A 348 -1.55 7.30 -17.69
C ILE A 348 -1.88 6.28 -18.78
N PRO A 349 -1.16 5.15 -18.85
CA PRO A 349 -1.41 4.18 -19.92
C PRO A 349 -2.84 3.66 -19.89
N ALA A 350 -3.35 3.31 -21.07
CA ALA A 350 -4.69 2.74 -21.13
C ALA A 350 -4.75 1.41 -20.41
N LEU A 351 -3.68 0.63 -20.47
CA LEU A 351 -3.64 -0.66 -19.81
C LEU A 351 -2.21 -0.93 -19.34
N GLU A 352 -2.07 -1.29 -18.07
CA GLU A 352 -0.78 -1.82 -17.61
C GLU A 352 -1.04 -2.98 -16.66
N ILE A 353 -0.01 -3.80 -16.50
CA ILE A 353 -0.08 -4.98 -15.66
C ILE A 353 1.08 -4.91 -14.69
N TYR A 354 0.79 -5.16 -13.42
CA TYR A 354 1.80 -5.28 -12.38
C TYR A 354 1.90 -6.76 -12.07
N HIS A 355 2.99 -7.38 -12.48
CA HIS A 355 3.17 -8.81 -12.26
C HIS A 355 3.66 -9.08 -10.85
N ASN A 356 3.13 -10.14 -10.24
CA ASN A 356 3.59 -10.60 -8.94
C ASN A 356 3.40 -12.11 -8.89
N THR A 357 4.29 -12.81 -8.18
CA THR A 357 4.24 -14.27 -8.21
C THR A 357 2.96 -14.82 -7.60
N ILE A 358 2.28 -14.06 -6.75
CA ILE A 358 1.04 -14.49 -6.12
C ILE A 358 -0.19 -13.94 -6.84
N ASN A 359 -0.29 -12.62 -7.02
CA ASN A 359 -1.43 -12.05 -7.73
C ASN A 359 -0.98 -10.94 -8.69
N ASP A 360 -1.13 -11.21 -9.98
CA ASP A 360 -1.00 -10.16 -10.99
C ASP A 360 -2.12 -9.16 -10.82
N ILE A 361 -1.82 -7.88 -11.08
CA ILE A 361 -2.80 -6.80 -10.98
C ILE A 361 -2.92 -6.14 -12.34
N ILE A 362 -4.16 -5.96 -12.80
CA ILE A 362 -4.51 -5.42 -14.11
C ILE A 362 -5.15 -4.07 -13.89
N VAL A 363 -4.72 -3.03 -14.62
CA VAL A 363 -5.26 -1.68 -14.46
C VAL A 363 -5.58 -1.06 -15.81
N PHE A 364 -6.85 -0.75 -16.04
CA PHE A 364 -7.32 -0.05 -17.23
C PHE A 364 -7.71 1.39 -16.91
N ASN A 365 -7.36 2.31 -17.81
CA ASN A 365 -7.80 3.70 -17.74
C ASN A 365 -8.27 4.18 -19.10
N GLY A 366 -9.58 4.42 -19.23
CA GLY A 366 -10.05 5.29 -20.28
C GLY A 366 -9.52 6.71 -20.08
N ASN A 367 -9.61 7.52 -21.14
CA ASN A 367 -9.12 8.89 -21.11
C ASN A 367 -9.57 9.63 -19.86
N ARG A 368 -8.63 9.91 -18.95
CA ARG A 368 -8.98 10.49 -17.65
C ARG A 368 -9.56 11.89 -17.79
N ASN A 369 -9.34 12.54 -18.92
CA ASN A 369 -9.86 13.88 -19.17
C ASN A 369 -11.27 13.88 -19.74
N LYS A 370 -11.89 12.71 -19.94
CA LYS A 370 -13.25 12.63 -20.48
C LYS A 370 -14.20 12.12 -19.40
N LYS A 371 -15.25 12.90 -19.13
CA LYS A 371 -16.16 12.53 -18.07
C LYS A 371 -16.86 11.23 -18.45
N GLY A 372 -17.03 10.34 -17.49
CA GLY A 372 -17.64 9.04 -17.74
C GLY A 372 -16.68 7.96 -18.21
N SER A 373 -15.39 8.26 -18.36
CA SER A 373 -14.45 7.23 -18.77
C SER A 373 -14.27 6.19 -17.65
N LEU A 374 -13.85 4.99 -18.04
CA LEU A 374 -13.79 3.86 -17.12
C LEU A 374 -12.42 3.73 -16.48
N PHE A 375 -12.41 3.40 -15.19
CA PHE A 375 -11.26 2.82 -14.53
C PHE A 375 -11.63 1.39 -14.17
N LEU A 376 -10.73 0.43 -14.44
CA LEU A 376 -10.98 -0.95 -14.03
C LEU A 376 -9.71 -1.56 -13.49
N ILE A 377 -9.82 -2.22 -12.34
CA ILE A 377 -8.70 -2.96 -11.80
C ILE A 377 -9.16 -4.39 -11.54
N ALA A 378 -8.31 -5.35 -11.85
CA ALA A 378 -8.64 -6.76 -11.66
C ALA A 378 -7.41 -7.51 -11.17
N LYS A 379 -7.62 -8.75 -10.69
CA LYS A 379 -6.53 -9.51 -10.07
C LYS A 379 -6.58 -10.96 -10.53
N GLY A 380 -5.39 -11.58 -10.60
CA GLY A 380 -5.25 -13.02 -10.54
C GLY A 380 -5.27 -13.44 -9.08
N GLY A 381 -4.54 -14.48 -8.75
CA GLY A 381 -4.31 -14.76 -7.33
C GLY A 381 -4.17 -16.24 -7.04
N GLU A 382 -3.76 -16.51 -5.79
CA GLU A 382 -3.58 -17.85 -5.24
C GLU A 382 -4.34 -17.93 -3.93
N PRO A 383 -5.55 -18.50 -3.93
CA PRO A 383 -6.38 -18.43 -2.71
C PRO A 383 -5.84 -19.19 -1.51
N ARG A 384 -4.88 -20.09 -1.68
CA ARG A 384 -4.35 -20.83 -0.54
C ARG A 384 -3.43 -19.97 0.33
N GLN A 385 -2.99 -18.82 -0.18
CA GLN A 385 -2.12 -17.93 0.56
C GLN A 385 -2.90 -17.25 1.69
N ALA A 386 -2.16 -16.67 2.63
CA ALA A 386 -2.77 -16.11 3.83
C ALA A 386 -3.76 -15.00 3.47
N HIS A 387 -4.93 -15.04 4.11
CA HIS A 387 -5.95 -14.00 4.06
C HIS A 387 -6.67 -13.88 2.73
N GLN A 388 -6.43 -14.77 1.77
CA GLN A 388 -6.91 -14.58 0.40
C GLN A 388 -8.36 -15.07 0.28
N HIS A 389 -9.04 -14.58 -0.76
CA HIS A 389 -10.39 -14.99 -1.09
C HIS A 389 -10.39 -15.77 -2.40
N LEU A 390 -11.44 -16.56 -2.61
CA LEU A 390 -11.67 -17.23 -3.89
C LEU A 390 -12.18 -16.16 -4.86
N ASP A 391 -11.25 -15.35 -5.38
CA ASP A 391 -11.65 -14.16 -6.10
C ASP A 391 -10.90 -13.99 -7.42
N GLY A 392 -10.26 -15.03 -7.93
CA GLY A 392 -9.52 -14.89 -9.17
C GLY A 392 -10.41 -14.39 -10.29
N GLY A 393 -9.96 -13.35 -11.01
CA GLY A 393 -10.72 -12.72 -12.06
C GLY A 393 -11.62 -11.58 -11.63
N THR A 394 -11.75 -11.33 -10.33
CA THR A 394 -12.63 -10.26 -9.88
C THR A 394 -12.03 -8.89 -10.24
N PHE A 395 -12.92 -7.89 -10.28
CA PHE A 395 -12.54 -6.58 -10.78
C PHE A 395 -13.43 -5.54 -10.13
N ILE A 396 -12.90 -4.33 -10.01
CA ILE A 396 -13.70 -3.17 -9.62
C ILE A 396 -13.67 -2.20 -10.78
N VAL A 397 -14.84 -1.77 -11.24
CA VAL A 397 -14.95 -0.81 -12.33
C VAL A 397 -15.57 0.47 -11.78
N GLU A 398 -15.01 1.62 -12.16
CA GLU A 398 -15.47 2.91 -11.67
C GLU A 398 -15.64 3.89 -12.82
N SER A 399 -16.73 4.67 -12.76
CA SER A 399 -16.89 5.81 -13.67
C SER A 399 -17.75 6.84 -12.96
N ASN A 400 -17.53 8.12 -13.30
CA ASN A 400 -18.31 9.21 -12.71
C ASN A 400 -18.20 9.23 -11.19
N GLY A 401 -17.05 8.84 -10.66
CA GLY A 401 -16.81 8.84 -9.22
C GLY A 401 -17.48 7.71 -8.45
N VAL A 402 -18.03 6.71 -9.12
CA VAL A 402 -18.79 5.64 -8.49
C VAL A 402 -18.15 4.29 -8.80
N CYS A 403 -17.93 3.50 -7.76
CA CYS A 403 -17.54 2.10 -7.94
C CYS A 403 -18.79 1.28 -8.21
N TRP A 404 -18.92 0.77 -9.44
CA TRP A 404 -20.11 0.05 -9.84
C TRP A 404 -20.08 -1.44 -9.49
N THR A 405 -18.90 -2.02 -9.35
CA THR A 405 -18.79 -3.35 -8.75
C THR A 405 -17.93 -3.27 -7.51
N GLU A 406 -18.03 -4.29 -6.65
CA GLU A 406 -17.58 -4.18 -5.28
C GLU A 406 -16.65 -5.33 -4.91
N ASP A 407 -16.04 -5.19 -3.74
CA ASP A 407 -15.46 -6.29 -3.00
C ASP A 407 -15.94 -6.10 -1.56
N LEU A 408 -16.49 -7.16 -0.95
CA LEU A 408 -17.12 -7.03 0.36
C LEU A 408 -16.11 -7.01 1.50
N GLY A 409 -14.81 -7.12 1.20
CA GLY A 409 -13.78 -7.07 2.23
C GLY A 409 -13.69 -8.35 3.04
N ALA A 410 -12.91 -8.28 4.12
CA ALA A 410 -12.70 -9.46 4.95
C ALA A 410 -13.86 -9.64 5.94
N ASP A 411 -14.05 -10.86 6.41
CA ASP A 411 -15.00 -11.10 7.48
C ASP A 411 -14.26 -11.26 8.81
N ASP A 412 -15.01 -11.57 9.86
CA ASP A 412 -14.48 -11.55 11.23
C ASP A 412 -13.48 -12.69 11.45
N TYR A 413 -12.25 -12.33 11.81
CA TYR A 413 -11.18 -13.31 12.06
C TYR A 413 -11.55 -14.34 13.11
N ALA A 414 -12.56 -14.08 13.94
CA ALA A 414 -12.93 -15.00 15.01
C ALA A 414 -13.88 -16.11 14.57
N LEU A 415 -14.33 -16.12 13.31
CA LEU A 415 -15.34 -17.07 12.88
C LEU A 415 -14.83 -18.50 13.00
N PRO A 416 -15.71 -19.45 13.34
CA PRO A 416 -15.29 -20.87 13.39
C PRO A 416 -14.70 -21.33 12.06
N GLY A 417 -13.49 -21.88 12.14
CA GLY A 417 -12.83 -22.43 10.98
C GLY A 417 -12.39 -21.41 9.95
N PHE A 418 -12.25 -20.15 10.35
CA PHE A 418 -11.84 -19.07 9.45
C PHE A 418 -10.56 -19.40 8.70
N TRP A 419 -9.66 -20.16 9.31
CA TRP A 419 -8.36 -20.42 8.72
C TRP A 419 -8.28 -21.79 8.05
N ASP A 420 -9.32 -22.61 8.16
CA ASP A 420 -9.39 -23.91 7.49
C ASP A 420 -9.53 -23.65 5.98
N GLY A 421 -8.40 -23.34 5.35
CA GLY A 421 -8.34 -22.94 3.96
C GLY A 421 -8.15 -24.04 2.94
N ARG A 422 -8.15 -25.31 3.36
CA ARG A 422 -8.10 -26.38 2.40
C ARG A 422 -9.29 -26.30 1.44
N PRO A 423 -9.23 -26.98 0.30
CA PRO A 423 -10.35 -26.91 -0.65
C PRO A 423 -11.71 -27.22 -0.04
N ASP A 424 -11.80 -28.20 0.86
CA ASP A 424 -13.04 -28.56 1.54
C ASP A 424 -13.21 -27.84 2.87
N GLY A 425 -12.40 -26.82 3.12
CA GLY A 425 -12.34 -26.21 4.44
C GLY A 425 -13.53 -25.31 4.75
N GLN A 426 -13.70 -25.08 6.05
CA GLN A 426 -14.79 -24.23 6.54
C GLN A 426 -14.63 -22.78 6.11
N ARG A 427 -13.39 -22.33 5.84
CA ARG A 427 -13.18 -20.93 5.48
C ARG A 427 -14.05 -20.53 4.30
N TRP A 428 -14.25 -21.45 3.36
CA TRP A 428 -14.92 -21.11 2.13
C TRP A 428 -16.44 -21.15 2.25
N LYS A 429 -16.99 -21.60 3.38
CA LYS A 429 -18.43 -21.54 3.51
C LYS A 429 -18.94 -20.11 3.71
N TYR A 430 -18.06 -19.18 4.08
CA TYR A 430 -18.45 -17.81 4.33
C TYR A 430 -18.47 -17.01 3.03
N PHE A 431 -19.60 -16.34 2.78
CA PHE A 431 -19.83 -15.59 1.54
C PHE A 431 -18.66 -14.66 1.20
N ARG A 432 -18.17 -13.90 2.19
CA ARG A 432 -17.11 -12.93 1.91
C ARG A 432 -15.82 -13.59 1.45
N ASN A 433 -15.61 -14.87 1.80
CA ASN A 433 -14.38 -15.55 1.45
C ASN A 433 -14.45 -16.28 0.11
N ASN A 434 -15.64 -16.64 -0.36
CA ASN A 434 -15.76 -17.48 -1.54
C ASN A 434 -16.17 -16.65 -2.76
N ASN A 435 -16.18 -17.30 -3.92
CA ASN A 435 -16.37 -16.55 -5.16
C ASN A 435 -17.81 -16.05 -5.36
N PHE A 436 -18.79 -16.55 -4.60
CA PHE A 436 -20.16 -16.08 -4.77
C PHE A 436 -20.32 -14.59 -4.48
N SER A 437 -19.41 -14.02 -3.71
CA SER A 437 -19.45 -12.59 -3.42
C SER A 437 -18.56 -11.78 -4.34
N HIS A 438 -17.80 -12.42 -5.22
CA HIS A 438 -16.83 -11.70 -6.03
C HIS A 438 -17.30 -11.67 -7.49
N ASN A 439 -16.59 -10.87 -8.29
CA ASN A 439 -17.10 -10.55 -9.62
C ASN A 439 -16.42 -11.44 -10.63
N THR A 440 -16.77 -12.73 -10.54
CA THR A 440 -16.12 -13.75 -11.33
C THR A 440 -17.09 -14.93 -11.49
N LEU A 441 -16.60 -16.05 -11.99
CA LEU A 441 -17.48 -17.14 -12.42
C LEU A 441 -17.70 -18.16 -11.32
N SER A 442 -18.92 -18.68 -11.27
CA SER A 442 -19.28 -19.89 -10.52
C SER A 442 -19.89 -20.89 -11.50
N ILE A 443 -19.37 -22.11 -11.52
CA ILE A 443 -19.90 -23.18 -12.36
C ILE A 443 -20.77 -24.07 -11.48
N ASP A 444 -22.00 -24.32 -11.91
CA ASP A 444 -22.93 -25.18 -11.17
C ASP A 444 -23.09 -24.73 -9.72
N HIS A 445 -23.07 -23.42 -9.50
CA HIS A 445 -23.24 -22.83 -8.18
C HIS A 445 -22.25 -23.38 -7.16
N LYS A 446 -21.02 -23.67 -7.61
CA LYS A 446 -19.96 -24.20 -6.75
C LYS A 446 -18.82 -23.19 -6.56
N ILE A 447 -17.98 -23.44 -5.54
CA ILE A 447 -16.84 -22.57 -5.25
C ILE A 447 -15.64 -22.92 -6.14
N GLN A 448 -14.75 -21.94 -6.32
CA GLN A 448 -13.47 -22.22 -6.93
C GLN A 448 -12.69 -23.25 -6.11
N TYR A 449 -11.72 -23.88 -6.78
CA TYR A 449 -10.82 -24.84 -6.15
C TYR A 449 -9.67 -24.07 -5.48
N ALA A 450 -9.60 -24.15 -4.15
CA ALA A 450 -8.73 -23.26 -3.38
C ALA A 450 -7.25 -23.43 -3.70
N ASN A 451 -6.82 -24.56 -4.24
CA ASN A 451 -5.41 -24.76 -4.49
C ASN A 451 -5.00 -24.39 -5.91
N GLY A 452 -5.91 -23.81 -6.71
CA GLY A 452 -5.59 -23.33 -8.03
C GLY A 452 -5.06 -21.90 -8.03
N GLU A 453 -4.99 -21.33 -9.23
CA GLU A 453 -4.46 -19.98 -9.38
C GLU A 453 -5.00 -19.36 -10.66
N ALA A 454 -5.02 -18.03 -10.69
CA ALA A 454 -5.33 -17.26 -11.89
C ALA A 454 -4.13 -16.35 -12.16
N PHE A 455 -3.70 -16.27 -13.40
CA PHE A 455 -2.52 -15.46 -13.69
C PHE A 455 -2.62 -14.94 -15.11
N VAL A 456 -1.94 -13.81 -15.35
CA VAL A 456 -1.95 -13.23 -16.69
C VAL A 456 -1.12 -14.12 -17.60
N CYS A 457 -1.72 -14.56 -18.71
CA CYS A 457 -1.01 -15.39 -19.67
C CYS A 457 -0.81 -14.74 -21.03
N GLU A 458 -1.50 -13.63 -21.31
CA GLU A 458 -1.32 -12.93 -22.57
C GLU A 458 -1.65 -11.46 -22.34
N GLU A 459 -0.92 -10.56 -22.99
CA GLU A 459 -1.17 -9.12 -22.86
C GLU A 459 -1.01 -8.42 -24.20
N HIS A 460 -1.87 -7.43 -24.44
CA HIS A 460 -1.81 -6.58 -25.63
C HIS A 460 -2.06 -5.14 -25.17
N THR A 461 -1.05 -4.54 -24.52
CA THR A 461 -1.25 -3.24 -23.90
C THR A 461 -1.16 -2.08 -24.89
N ASP A 462 -0.62 -2.29 -26.09
CA ASP A 462 -0.49 -1.21 -27.06
C ASP A 462 -1.52 -1.27 -28.18
N ALA A 463 -2.46 -2.21 -28.13
CA ALA A 463 -3.49 -2.26 -29.16
C ALA A 463 -4.44 -1.06 -29.04
N LYS A 464 -5.11 -0.75 -30.15
CA LYS A 464 -6.12 0.31 -30.12
C LYS A 464 -7.23 0.00 -29.11
N GLN A 465 -7.56 -1.28 -28.97
CA GLN A 465 -8.45 -1.75 -27.91
C GLN A 465 -7.60 -2.71 -27.07
N PRO A 466 -6.89 -2.20 -26.08
CA PRO A 466 -5.93 -3.04 -25.35
C PRO A 466 -6.65 -4.10 -24.53
N SER A 467 -5.97 -5.22 -24.35
CA SER A 467 -6.59 -6.38 -23.69
C SER A 467 -5.55 -7.15 -22.90
N VAL A 468 -6.04 -7.98 -21.97
CA VAL A 468 -5.19 -8.88 -21.19
C VAL A 468 -6.01 -10.13 -20.90
N LYS A 469 -5.35 -11.29 -20.88
CA LYS A 469 -6.00 -12.58 -20.68
C LYS A 469 -5.49 -13.25 -19.41
N LEU A 470 -6.41 -13.66 -18.54
CA LEU A 470 -6.07 -14.43 -17.35
C LEU A 470 -6.35 -15.90 -17.59
N ASP A 471 -5.43 -16.76 -17.17
CA ASP A 471 -5.66 -18.20 -17.13
C ASP A 471 -6.20 -18.52 -15.74
N MET A 472 -7.46 -18.94 -15.66
CA MET A 472 -8.12 -19.30 -14.41
C MET A 472 -8.37 -20.80 -14.30
N THR A 473 -7.85 -21.60 -15.25
CA THR A 473 -8.27 -22.99 -15.39
C THR A 473 -8.22 -23.76 -14.08
N THR A 474 -7.11 -23.68 -13.35
CA THR A 474 -6.95 -24.53 -12.16
C THR A 474 -7.83 -24.11 -11.00
N LEU A 475 -8.43 -22.91 -11.05
CA LEU A 475 -9.45 -22.54 -10.08
C LEU A 475 -10.78 -23.25 -10.32
N TYR A 476 -10.91 -24.00 -11.43
CA TYR A 476 -12.14 -24.70 -11.80
C TYR A 476 -11.83 -26.13 -12.18
N LYS A 477 -10.83 -26.69 -11.50
CA LYS A 477 -10.18 -27.95 -11.84
C LYS A 477 -11.16 -29.09 -12.13
N ASP A 478 -12.14 -29.32 -11.26
CA ASP A 478 -13.07 -30.44 -11.42
C ASP A 478 -14.25 -30.14 -12.34
N GLN A 479 -14.31 -28.94 -12.92
CA GLN A 479 -15.50 -28.51 -13.64
C GLN A 479 -15.24 -28.13 -15.09
N ALA A 480 -14.02 -27.81 -15.44
CA ALA A 480 -13.71 -27.26 -16.75
C ALA A 480 -12.29 -27.65 -17.13
N SER A 481 -12.07 -27.93 -18.41
CA SER A 481 -10.71 -28.23 -18.83
C SER A 481 -9.92 -26.97 -19.16
N SER A 482 -10.59 -25.83 -19.37
CA SER A 482 -9.91 -24.55 -19.52
C SER A 482 -10.89 -23.41 -19.19
N VAL A 483 -10.36 -22.38 -18.54
CA VAL A 483 -11.13 -21.18 -18.23
C VAL A 483 -10.18 -20.01 -18.45
N PHE A 484 -10.53 -19.14 -19.39
CA PHE A 484 -9.76 -17.93 -19.67
C PHE A 484 -10.68 -16.72 -19.60
N ARG A 485 -10.22 -15.67 -18.93
CA ARG A 485 -10.94 -14.41 -18.85
C ARG A 485 -10.11 -13.32 -19.53
N THR A 486 -10.71 -12.67 -20.51
CA THR A 486 -10.09 -11.57 -21.23
C THR A 486 -10.84 -10.28 -20.94
N PHE A 487 -10.10 -9.25 -20.53
CA PHE A 487 -10.64 -7.89 -20.40
C PHE A 487 -10.14 -7.10 -21.61
N LYS A 488 -11.05 -6.36 -22.24
CA LYS A 488 -10.69 -5.51 -23.38
C LYS A 488 -11.33 -4.15 -23.21
N LEU A 489 -10.53 -3.10 -23.37
CA LEU A 489 -11.05 -1.73 -23.33
C LEU A 489 -11.49 -1.37 -24.75
N LEU A 490 -12.80 -1.38 -25.01
CA LEU A 490 -13.28 -1.14 -26.37
C LEU A 490 -13.20 0.33 -26.76
N ASN A 491 -13.40 1.21 -25.79
CA ASN A 491 -13.28 2.66 -25.99
C ASN A 491 -13.16 3.27 -24.59
N ASP A 492 -13.10 4.59 -24.52
CA ASP A 492 -12.91 5.24 -23.22
C ASP A 492 -14.01 4.89 -22.21
N TYR A 493 -15.21 4.52 -22.69
CA TYR A 493 -16.38 4.34 -21.86
C TYR A 493 -16.79 2.89 -21.67
N THR A 494 -16.05 1.93 -22.23
CA THR A 494 -16.62 0.59 -22.40
C THR A 494 -15.57 -0.50 -22.25
N ILE A 495 -15.84 -1.47 -21.38
CA ILE A 495 -14.99 -2.63 -21.19
C ILE A 495 -15.79 -3.87 -21.56
N GLU A 496 -15.13 -4.81 -22.25
CA GLU A 496 -15.73 -6.11 -22.55
C GLU A 496 -14.96 -7.22 -21.82
N ILE A 497 -15.69 -8.09 -21.14
CA ILE A 497 -15.09 -9.23 -20.47
C ILE A 497 -15.53 -10.47 -21.23
N MET A 498 -14.56 -11.26 -21.70
CA MET A 498 -14.79 -12.49 -22.46
C MET A 498 -14.31 -13.68 -21.63
N ASP A 499 -15.24 -14.51 -21.18
CA ASP A 499 -14.87 -15.72 -20.49
C ASP A 499 -15.01 -16.88 -21.47
N GLU A 500 -13.92 -17.61 -21.69
CA GLU A 500 -13.87 -18.78 -22.57
C GLU A 500 -13.79 -20.01 -21.68
N VAL A 501 -14.84 -20.84 -21.71
CA VAL A 501 -14.95 -21.96 -20.77
C VAL A 501 -15.19 -23.24 -21.55
N ASP A 502 -14.37 -24.25 -21.28
CA ASP A 502 -14.52 -25.60 -21.82
C ASP A 502 -15.03 -26.46 -20.65
N LEU A 503 -16.33 -26.69 -20.58
CA LEU A 503 -16.91 -27.42 -19.45
C LEU A 503 -16.66 -28.91 -19.57
N LEU A 504 -16.43 -29.55 -18.42
CA LEU A 504 -16.30 -31.00 -18.41
C LEU A 504 -17.64 -31.69 -18.67
N SER A 505 -18.74 -31.11 -18.21
CA SER A 505 -20.08 -31.64 -18.45
C SER A 505 -20.89 -30.65 -19.28
N PRO A 506 -21.45 -31.07 -20.41
CA PRO A 506 -22.09 -30.10 -21.31
C PRO A 506 -23.35 -29.46 -20.75
N GLN A 507 -23.96 -30.01 -19.71
CA GLN A 507 -25.13 -29.39 -19.11
C GLN A 507 -24.78 -28.40 -18.00
N SER A 508 -23.51 -28.29 -17.62
CA SER A 508 -23.12 -27.38 -16.53
C SER A 508 -23.55 -25.95 -16.84
N ILE A 509 -23.82 -25.19 -15.78
CA ILE A 509 -24.24 -23.80 -15.89
C ILE A 509 -23.06 -22.93 -15.48
N VAL A 510 -22.79 -21.91 -16.28
CA VAL A 510 -21.76 -20.91 -15.96
C VAL A 510 -22.45 -19.65 -15.45
N SER A 511 -22.21 -19.31 -14.19
CA SER A 511 -22.78 -18.10 -13.59
C SER A 511 -21.76 -16.97 -13.63
N TRP A 512 -22.13 -15.89 -14.31
CA TRP A 512 -21.40 -14.63 -14.28
C TRP A 512 -21.99 -13.80 -13.15
N ILE A 513 -21.18 -13.48 -12.14
CA ILE A 513 -21.65 -12.84 -10.92
C ILE A 513 -20.91 -11.54 -10.72
N ALA A 514 -21.62 -10.53 -10.21
CA ALA A 514 -20.99 -9.30 -9.73
C ALA A 514 -21.74 -8.76 -8.52
N SER A 515 -21.01 -8.09 -7.65
CA SER A 515 -21.57 -7.41 -6.48
C SER A 515 -21.58 -5.91 -6.74
N THR A 516 -22.51 -5.21 -6.09
CA THR A 516 -22.61 -3.76 -6.24
C THR A 516 -23.36 -3.20 -5.04
N LYS A 517 -23.09 -1.94 -4.73
CA LYS A 517 -23.91 -1.18 -3.79
C LYS A 517 -24.93 -0.32 -4.49
N ALA A 518 -24.91 -0.28 -5.82
CA ALA A 518 -25.86 0.51 -6.59
C ALA A 518 -27.24 -0.15 -6.61
N GLN A 519 -28.24 0.68 -6.87
CA GLN A 519 -29.56 0.16 -7.21
C GLN A 519 -29.48 -0.61 -8.52
N VAL A 520 -30.25 -1.70 -8.61
CA VAL A 520 -30.16 -2.63 -9.73
C VAL A 520 -31.53 -2.75 -10.41
N GLU A 521 -31.55 -2.60 -11.73
CA GLU A 521 -32.69 -2.97 -12.56
C GLU A 521 -32.21 -3.93 -13.63
N VAL A 522 -32.80 -5.12 -13.71
CA VAL A 522 -32.45 -6.09 -14.73
C VAL A 522 -33.64 -6.29 -15.67
N LYS A 523 -33.34 -6.53 -16.94
CA LYS A 523 -34.36 -6.90 -17.91
C LYS A 523 -33.66 -7.65 -19.03
N GLU A 524 -34.06 -8.91 -19.24
CA GLU A 524 -33.46 -9.81 -20.22
C GLU A 524 -31.94 -9.79 -20.07
N ASN A 525 -31.21 -9.43 -21.12
CA ASN A 525 -29.76 -9.48 -21.07
C ASN A 525 -29.13 -8.14 -20.66
N ARG A 526 -29.89 -7.23 -20.07
CA ARG A 526 -29.37 -5.92 -19.75
C ARG A 526 -29.50 -5.60 -18.26
N VAL A 527 -28.55 -4.82 -17.75
CA VAL A 527 -28.57 -4.31 -16.38
C VAL A 527 -28.40 -2.80 -16.44
N ARG A 528 -29.21 -2.07 -15.68
CA ARG A 528 -28.94 -0.67 -15.37
C ARG A 528 -28.69 -0.54 -13.88
N LEU A 529 -27.57 0.10 -13.53
CA LEU A 529 -27.19 0.39 -12.16
C LEU A 529 -27.40 1.87 -11.90
N THR A 530 -27.86 2.21 -10.69
CA THR A 530 -28.13 3.60 -10.35
C THR A 530 -27.57 3.93 -8.98
N HIS A 531 -26.92 5.08 -8.89
CA HIS A 531 -26.40 5.55 -7.61
C HIS A 531 -26.38 7.07 -7.64
N GLU A 532 -27.09 7.69 -6.70
CA GLU A 532 -27.15 9.16 -6.60
C GLU A 532 -27.43 9.78 -7.96
N GLY A 533 -28.35 9.19 -8.71
CA GLY A 533 -28.72 9.71 -10.01
C GLY A 533 -27.78 9.40 -11.15
N LYS A 534 -26.61 8.82 -10.87
CA LYS A 534 -25.70 8.38 -11.91
C LYS A 534 -26.03 6.96 -12.33
N HIS A 535 -25.68 6.60 -13.56
CA HIS A 535 -26.02 5.31 -14.12
C HIS A 535 -24.81 4.58 -14.68
N PHE A 536 -24.89 3.25 -14.69
CA PHE A 536 -23.93 2.38 -15.33
C PHE A 536 -24.73 1.25 -15.97
N TYR A 537 -24.17 0.67 -17.03
CA TYR A 537 -24.89 -0.28 -17.85
C TYR A 537 -24.07 -1.54 -18.14
N MET A 538 -24.78 -2.66 -18.25
CA MET A 538 -24.16 -3.94 -18.53
C MET A 538 -25.06 -4.67 -19.53
N GLU A 539 -24.44 -5.36 -20.48
CA GLU A 539 -25.20 -6.16 -21.44
C GLU A 539 -24.47 -7.48 -21.69
N ILE A 540 -25.15 -8.61 -21.52
CA ILE A 540 -24.54 -9.90 -21.86
C ILE A 540 -24.86 -10.21 -23.31
N ILE A 541 -23.81 -10.27 -24.14
CA ILE A 541 -24.02 -10.46 -25.57
C ILE A 541 -23.73 -11.89 -26.03
N ALA A 542 -23.09 -12.71 -25.20
CA ALA A 542 -22.90 -14.14 -25.51
C ALA A 542 -22.95 -14.90 -24.20
N PRO A 543 -23.56 -16.09 -24.18
CA PRO A 543 -24.30 -16.70 -25.28
C PRO A 543 -25.61 -15.96 -25.58
N ALA A 544 -26.18 -16.17 -26.77
CA ALA A 544 -27.43 -15.52 -27.12
C ALA A 544 -28.56 -15.94 -26.17
N GLY A 545 -29.45 -15.01 -25.86
CA GLY A 545 -30.60 -15.33 -25.03
C GLY A 545 -30.31 -15.47 -23.54
N ALA A 546 -29.16 -15.01 -23.08
CA ALA A 546 -28.84 -15.06 -21.67
C ALA A 546 -29.61 -13.96 -20.92
N THR A 547 -29.81 -14.19 -19.61
CA THR A 547 -30.65 -13.33 -18.78
C THR A 547 -29.93 -12.99 -17.47
N PHE A 548 -30.01 -11.73 -17.06
CA PHE A 548 -29.55 -11.31 -15.73
C PHE A 548 -30.69 -11.44 -14.72
N LYS A 549 -30.35 -11.88 -13.50
CA LYS A 549 -31.24 -11.72 -12.36
C LYS A 549 -30.48 -10.97 -11.27
N THR A 550 -31.21 -10.52 -10.25
CA THR A 550 -30.56 -9.82 -9.15
C THR A 550 -31.23 -10.22 -7.85
N TYR A 551 -30.47 -10.17 -6.76
CA TYR A 551 -30.95 -10.54 -5.44
C TYR A 551 -30.02 -9.92 -4.41
N PRO A 552 -30.51 -9.63 -3.20
CA PRO A 552 -29.64 -9.04 -2.18
C PRO A 552 -28.64 -10.06 -1.66
N ALA A 553 -27.42 -9.59 -1.42
CA ALA A 553 -26.49 -10.35 -0.59
C ALA A 553 -27.00 -10.34 0.85
N LYS A 554 -26.69 -11.39 1.59
CA LYS A 554 -27.17 -11.48 2.96
C LYS A 554 -26.20 -12.31 3.80
N ASN A 555 -26.38 -12.22 5.12
CA ASN A 555 -25.59 -13.00 6.04
C ASN A 555 -26.13 -14.42 6.14
N THR A 556 -25.31 -15.31 6.67
CA THR A 556 -25.70 -16.70 6.86
C THR A 556 -25.35 -17.18 8.26
N TYR A 557 -24.08 -17.07 8.65
CA TYR A 557 -23.60 -17.68 9.89
C TYR A 557 -23.46 -16.65 11.00
N LYS A 558 -23.78 -17.07 12.23
CA LYS A 558 -23.62 -16.19 13.38
C LYS A 558 -22.17 -15.73 13.52
N GLY A 559 -21.99 -14.45 13.82
CA GLY A 559 -20.69 -13.88 14.02
C GLY A 559 -20.12 -13.17 12.81
N GLU A 560 -20.82 -13.19 11.68
CA GLU A 560 -20.36 -12.50 10.49
C GLU A 560 -20.52 -10.99 10.69
N TYR A 561 -19.60 -10.24 10.11
CA TYR A 561 -19.84 -8.81 9.96
C TYR A 561 -21.12 -8.61 9.16
N PRO A 562 -21.96 -7.65 9.56
CA PRO A 562 -23.20 -7.41 8.83
C PRO A 562 -22.95 -7.18 7.34
N ILE A 563 -23.79 -7.77 6.51
CA ILE A 563 -23.77 -7.59 5.06
C ILE A 563 -25.03 -6.81 4.70
N GLU A 564 -24.88 -5.50 4.52
CA GLU A 564 -26.00 -4.61 4.27
C GLU A 564 -25.71 -3.72 3.08
N GLY A 565 -26.72 -3.55 2.23
CA GLY A 565 -26.61 -2.62 1.12
C GLY A 565 -25.93 -3.17 -0.12
N TYR A 566 -25.63 -4.48 -0.17
CA TYR A 566 -25.00 -5.08 -1.32
C TYR A 566 -26.03 -5.84 -2.15
N ASN A 567 -26.05 -5.59 -3.45
CA ASN A 567 -26.91 -6.32 -4.37
C ASN A 567 -26.04 -7.20 -5.27
N MET A 568 -26.53 -8.40 -5.59
CA MET A 568 -25.81 -9.30 -6.50
C MET A 568 -26.46 -9.31 -7.88
N LEU A 569 -25.62 -9.38 -8.91
CA LEU A 569 -26.01 -9.59 -10.30
C LEU A 569 -25.58 -10.98 -10.71
N GLU A 570 -26.44 -11.73 -11.39
CA GLU A 570 -26.03 -13.05 -11.81
C GLU A 570 -26.67 -13.39 -13.16
N ALA A 571 -25.86 -13.89 -14.09
CA ALA A 571 -26.35 -14.44 -15.36
C ALA A 571 -26.02 -15.94 -15.37
N GLU A 572 -27.06 -16.78 -15.39
CA GLU A 572 -26.86 -18.23 -15.40
C GLU A 572 -26.88 -18.71 -16.85
N CYS A 573 -25.72 -19.10 -17.37
CA CYS A 573 -25.51 -19.32 -18.80
C CYS A 573 -25.21 -20.78 -19.11
N GLY A 574 -25.98 -21.34 -20.03
CA GLY A 574 -25.59 -22.58 -20.66
C GLY A 574 -24.77 -22.32 -21.92
N LEU A 575 -23.84 -23.22 -22.22
CA LEU A 575 -22.97 -23.10 -23.39
C LEU A 575 -23.22 -24.29 -24.33
N GLU A 576 -23.35 -24.01 -25.62
CA GLU A 576 -23.57 -25.07 -26.62
C GLU A 576 -22.52 -26.17 -26.49
N GLY A 577 -22.98 -27.40 -26.31
CA GLY A 577 -22.07 -28.52 -26.14
C GLY A 577 -21.10 -28.40 -24.99
N GLY A 578 -21.41 -27.56 -23.99
CA GLY A 578 -20.50 -27.33 -22.89
C GLY A 578 -19.25 -26.56 -23.25
N LYS A 579 -19.19 -25.97 -24.43
CA LYS A 579 -18.00 -25.25 -24.86
C LYS A 579 -18.46 -23.92 -25.45
N GLY A 580 -17.97 -22.82 -24.88
CA GLY A 580 -18.30 -21.54 -25.44
C GLY A 580 -17.77 -20.36 -24.69
N LYS A 581 -18.51 -19.27 -24.81
CA LYS A 581 -18.09 -17.96 -24.32
C LYS A 581 -19.21 -17.31 -23.55
N VAL A 582 -18.84 -16.64 -22.46
CA VAL A 582 -19.70 -15.66 -21.81
C VAL A 582 -19.05 -14.31 -22.05
N VAL A 583 -19.78 -13.39 -22.67
CA VAL A 583 -19.27 -12.08 -23.01
C VAL A 583 -20.20 -11.03 -22.42
N VAL A 584 -19.66 -10.16 -21.57
CA VAL A 584 -20.43 -9.09 -20.95
C VAL A 584 -19.74 -7.77 -21.26
N ARG A 585 -20.50 -6.81 -21.78
CA ARG A 585 -20.01 -5.46 -22.00
C ARG A 585 -20.56 -4.54 -20.91
N MET A 586 -19.71 -3.61 -20.48
CA MET A 586 -19.99 -2.76 -19.33
C MET A 586 -19.64 -1.34 -19.77
N SER A 587 -20.52 -0.38 -19.52
CA SER A 587 -20.26 0.96 -20.05
C SER A 587 -21.00 2.01 -19.22
N SER A 588 -20.45 3.23 -19.19
CA SER A 588 -21.19 4.37 -18.65
C SER A 588 -22.18 4.94 -19.66
N LYS A 589 -22.24 4.41 -20.87
CA LYS A 589 -23.25 4.76 -21.88
C LYS A 589 -24.17 3.58 -22.15
N ARG A 590 -25.47 3.87 -22.30
CA ARG A 590 -26.47 2.80 -22.43
C ARG A 590 -26.29 2.00 -23.71
N ASN A 591 -25.86 2.64 -24.79
CA ASN A 591 -25.68 1.98 -26.07
C ASN A 591 -24.26 1.43 -26.17
N MET A 592 -24.13 0.10 -26.22
CA MET A 592 -22.82 -0.53 -26.42
C MET A 592 -22.79 -1.40 -27.67
N ARG A 593 -23.65 -1.09 -28.65
CA ARG A 593 -23.70 -1.85 -29.90
C ARG A 593 -22.42 -1.66 -30.70
#